data_8JB3
#
_entry.id   8JB3
#
_cell.length_a   180.591
_cell.length_b   180.591
_cell.length_c   90.98
_cell.angle_alpha   90.0
_cell.angle_beta   90.0
_cell.angle_gamma   90.0
#
_symmetry.space_group_name_H-M   'I 41 2 2'
#
loop_
_entity.id
_entity.type
_entity.pdbx_description
1 polymer "IMP-specific 5'-nucleotidase 1"
2 non-polymer INOSINE
3 non-polymer 'PHOSPHATE ION'
4 non-polymer 'INOSINIC ACID'
5 non-polymer 'MAGNESIUM ION'
6 water water
#
_entity_poly.entity_id   1
_entity_poly.type   'polypeptide(L)'
_entity_poly.pdbx_seq_one_letter_code
;RYRVEYHLKSHRKDEFIDWVKGLLASPFVLHAVSHEGDYNDDLATTQRVRSQYADIFKDIEGLIKDKIEFDSRN(MSE)S
QDEIEDGASSQSLNILGQSRLNLLVPSIGTFFTELPLEQAFLWEDSQRAISARR(MSE)VAPSFNDIRHILNTAQIFHFK
KQENLHNGKVLRLVTFAGDVTLYEDGGSLVYTNPVIPYILKLLRCGINVGIVTAAGYDEAGTYENRLKGLIVALHDSTDI
PVSQKQNLTI(MSE)GGESSYLFRYYEDPEEDNFGFRQIDKEEWLLPR(MSE)KAWSLEDVEKTLDFAERTLNRLRKRLN
LPSEISIIRKVRAVGIVPGERYDEASKRQVPVKLDREQLEEIVLTLQNTLESFAPSRRIQFSCFDGGSDVWCDIGGKDLG
VRSLQQFYNPESPIQPSETLHVGDQFAPVGSANDFKARLAGCTLWIASPQETVNYLHRLLETDHHHHHHHH
;
_entity_poly.pdbx_strand_id   A
#
loop_
_chem_comp.id
_chem_comp.type
_chem_comp.name
_chem_comp.formula
IMP non-polymer 'INOSINIC ACID' 'C10 H13 N4 O8 P'
MG non-polymer 'MAGNESIUM ION' 'Mg 2'
NOS non-polymer INOSINE 'C10 H12 N4 O5'
PO4 non-polymer 'PHOSPHATE ION' 'O4 P -3'
#
# COMPACT_ATOMS: atom_id res chain seq x y z
N ARG A 12 5.46 -2.72 -16.67
CA ARG A 12 5.62 -1.36 -16.18
C ARG A 12 4.97 -1.16 -14.79
N LYS A 13 5.63 -0.39 -13.94
CA LYS A 13 5.24 -0.24 -12.55
C LYS A 13 3.87 0.44 -12.36
N ASP A 14 3.52 1.39 -13.23
CA ASP A 14 2.20 2.02 -13.17
C ASP A 14 1.90 2.80 -14.46
N GLU A 15 0.96 2.29 -15.26
CA GLU A 15 0.70 2.85 -16.60
C GLU A 15 0.22 4.28 -16.47
N PHE A 16 -0.61 4.55 -15.47
CA PHE A 16 -1.17 5.89 -15.24
C PHE A 16 -0.06 6.91 -14.95
N ILE A 17 0.83 6.59 -14.02
CA ILE A 17 1.94 7.51 -13.72
C ILE A 17 2.84 7.70 -14.94
N ASP A 18 3.17 6.61 -15.63
CA ASP A 18 3.96 6.69 -16.86
C ASP A 18 3.27 7.54 -17.94
N TRP A 19 1.93 7.46 -18.01
CA TRP A 19 1.16 8.24 -18.98
C TRP A 19 1.27 9.73 -18.64
N VAL A 20 1.09 10.06 -17.35
CA VAL A 20 1.19 11.47 -16.93
C VAL A 20 2.59 12.02 -17.22
N LYS A 21 3.58 11.21 -16.91
CA LYS A 21 4.98 11.58 -17.16
C LYS A 21 5.21 11.92 -18.64
N GLY A 22 4.68 11.09 -19.53
CA GLY A 22 4.84 11.33 -20.96
C GLY A 22 4.16 12.62 -21.42
N LEU A 23 3.02 12.97 -20.85
CA LEU A 23 2.35 14.22 -21.23
C LEU A 23 3.21 15.44 -20.87
N LEU A 24 3.91 15.36 -19.75
CA LEU A 24 4.69 16.49 -19.25
C LEU A 24 5.95 16.68 -20.06
N ALA A 25 6.40 15.63 -20.73
CA ALA A 25 7.62 15.71 -21.51
C ALA A 25 7.57 16.78 -22.59
N SER A 26 6.40 17.01 -23.17
CA SER A 26 6.29 17.94 -24.28
C SER A 26 6.55 19.38 -23.79
N PRO A 27 5.82 19.86 -22.77
CA PRO A 27 6.20 21.21 -22.32
C PRO A 27 7.59 21.27 -21.64
N PHE A 28 8.06 20.18 -21.04
CA PHE A 28 9.44 20.16 -20.54
C PHE A 28 10.44 20.46 -21.66
N VAL A 29 10.33 19.73 -22.77
CA VAL A 29 11.26 19.93 -23.88
C VAL A 29 11.14 21.32 -24.44
N LEU A 30 9.91 21.73 -24.71
CA LEU A 30 9.69 22.99 -25.39
C LEU A 30 9.98 24.22 -24.53
N HIS A 31 9.77 24.16 -23.22
CA HIS A 31 9.84 25.38 -22.39
C HIS A 31 10.93 25.37 -21.32
N ALA A 32 11.51 24.20 -21.04
CA ALA A 32 12.55 24.09 -20.00
C ALA A 32 13.87 23.75 -20.66
N VAL A 33 13.90 22.65 -21.42
CA VAL A 33 15.12 22.26 -22.10
C VAL A 33 15.55 23.38 -23.08
N SER A 34 14.58 24.06 -23.68
CA SER A 34 14.90 25.14 -24.62
C SER A 34 15.73 26.24 -23.92
N HIS A 35 15.73 26.25 -22.59
CA HIS A 35 16.49 27.27 -21.83
C HIS A 35 17.66 26.70 -21.08
N GLU A 36 18.11 25.51 -21.43
CA GLU A 36 19.17 24.90 -20.63
C GLU A 36 20.51 25.65 -20.74
N GLY A 37 20.67 26.44 -21.81
CA GLY A 37 21.89 27.20 -21.99
C GLY A 37 21.76 28.68 -21.65
N ASP A 38 20.65 29.06 -21.01
CA ASP A 38 20.39 30.46 -20.62
C ASP A 38 21.48 31.03 -19.71
N TYR A 39 21.88 32.27 -19.96
CA TYR A 39 22.78 33.01 -19.06
C TYR A 39 22.03 33.45 -17.80
N ASN A 40 20.77 33.84 -17.97
CA ASN A 40 20.00 34.38 -16.87
C ASN A 40 18.49 34.18 -17.08
N ASP A 41 17.70 35.04 -16.43
CA ASP A 41 16.24 35.06 -16.54
C ASP A 41 15.62 33.75 -16.02
N ASP A 42 16.29 33.16 -15.02
CA ASP A 42 15.92 31.84 -14.51
C ASP A 42 14.47 31.76 -13.99
N LEU A 43 13.95 32.88 -13.49
CA LEU A 43 12.68 32.82 -12.76
C LEU A 43 11.48 32.86 -13.68
N ALA A 44 11.52 33.72 -14.69
CA ALA A 44 10.42 33.84 -15.62
C ALA A 44 10.23 32.54 -16.39
N THR A 45 11.34 31.88 -16.67
CA THR A 45 11.31 30.59 -17.35
C THR A 45 10.65 29.55 -16.44
N THR A 46 11.04 29.56 -15.18
CA THR A 46 10.47 28.65 -14.21
C THR A 46 8.96 28.84 -14.11
N GLN A 47 8.51 30.09 -14.07
CA GLN A 47 7.10 30.31 -13.88
C GLN A 47 6.35 29.89 -15.13
N ARG A 48 6.98 30.03 -16.30
CA ARG A 48 6.30 29.60 -17.52
C ARG A 48 6.16 28.07 -17.55
N VAL A 49 7.24 27.35 -17.24
CA VAL A 49 7.20 25.90 -17.14
C VAL A 49 6.14 25.45 -16.12
N ARG A 50 6.13 26.10 -14.97
CA ARG A 50 5.22 25.76 -13.89
C ARG A 50 3.77 25.87 -14.35
N SER A 51 3.44 26.95 -15.06
CA SER A 51 2.07 27.10 -15.60
C SER A 51 1.66 26.00 -16.56
N GLN A 52 2.57 25.64 -17.45
CA GLN A 52 2.31 24.57 -18.41
C GLN A 52 2.02 23.24 -17.71
N TYR A 53 2.87 22.85 -16.76
CA TYR A 53 2.66 21.60 -16.02
C TYR A 53 1.34 21.65 -15.25
N ALA A 54 1.12 22.78 -14.58
CA ALA A 54 -0.10 22.95 -13.79
C ALA A 54 -1.33 22.75 -14.65
N ASP A 55 -1.31 23.27 -15.88
CA ASP A 55 -2.45 23.16 -16.80
C ASP A 55 -2.71 21.71 -17.12
N ILE A 56 -1.65 20.96 -17.32
CA ILE A 56 -1.82 19.56 -17.63
C ILE A 56 -2.43 18.83 -16.41
N PHE A 57 -1.93 19.09 -15.21
CA PHE A 57 -2.53 18.49 -14.02
C PHE A 57 -3.97 18.91 -13.84
N LYS A 58 -4.30 20.15 -14.19
CA LYS A 58 -5.69 20.59 -14.12
C LYS A 58 -6.60 19.82 -15.08
N ASP A 59 -6.13 19.61 -16.31
CA ASP A 59 -6.83 18.77 -17.29
C ASP A 59 -7.05 17.37 -16.76
N ILE A 60 -6.02 16.76 -16.19
CA ILE A 60 -6.17 15.38 -15.71
C ILE A 60 -7.14 15.33 -14.54
N GLU A 61 -7.06 16.32 -13.66
CA GLU A 61 -8.02 16.47 -12.59
C GLU A 61 -9.45 16.38 -13.13
N GLY A 62 -9.69 17.03 -14.27
CA GLY A 62 -11.00 17.00 -14.92
C GLY A 62 -11.35 15.65 -15.48
N LEU A 63 -10.39 14.96 -16.09
CA LEU A 63 -10.65 13.58 -16.53
C LEU A 63 -11.01 12.64 -15.37
N ILE A 64 -10.40 12.84 -14.21
CA ILE A 64 -10.72 12.02 -13.06
C ILE A 64 -12.16 12.29 -12.57
N LYS A 65 -12.55 13.57 -12.48
CA LYS A 65 -13.94 13.88 -12.11
C LYS A 65 -14.87 13.22 -13.11
N ASP A 66 -14.58 13.37 -14.41
CA ASP A 66 -15.38 12.76 -15.45
C ASP A 66 -15.50 11.26 -15.29
N LYS A 67 -14.41 10.60 -14.93
CA LYS A 67 -14.41 9.14 -14.73
C LYS A 67 -15.25 8.74 -13.50
N ILE A 68 -15.13 9.50 -12.42
CA ILE A 68 -15.90 9.23 -11.21
C ILE A 68 -17.41 9.30 -11.55
N GLU A 69 -17.81 10.35 -12.25
CA GLU A 69 -19.21 10.45 -12.73
C GLU A 69 -19.66 9.31 -13.62
N PHE A 70 -18.82 8.94 -14.58
CA PHE A 70 -19.12 7.80 -15.44
C PHE A 70 -19.28 6.53 -14.62
N ASP A 71 -18.34 6.29 -13.73
CA ASP A 71 -18.29 5.04 -12.95
C ASP A 71 -19.45 4.87 -11.98
N SER A 72 -19.97 5.98 -11.49
CA SER A 72 -21.03 5.90 -10.51
C SER A 72 -22.40 5.80 -11.20
N ARG A 73 -22.52 6.29 -12.42
CA ARG A 73 -23.78 6.22 -13.13
C ARG A 73 -24.01 4.80 -13.62
N ASN A 74 -22.93 4.12 -13.97
CA ASN A 74 -23.01 2.82 -14.61
C ASN A 74 -22.74 1.65 -13.66
N ASN A 90 -20.60 7.94 -23.49
CA ASN A 90 -19.49 7.49 -24.34
C ASN A 90 -19.91 6.34 -25.28
N ILE A 91 -19.73 6.53 -26.59
CA ILE A 91 -20.14 5.51 -27.58
C ILE A 91 -19.26 4.26 -27.53
N LEU A 92 -18.18 4.31 -26.76
CA LEU A 92 -17.26 3.17 -26.69
C LEU A 92 -17.40 2.42 -25.33
N GLY A 93 -18.38 2.86 -24.53
CA GLY A 93 -18.74 2.17 -23.30
C GLY A 93 -17.68 2.17 -22.20
N GLN A 94 -16.87 3.22 -22.17
CA GLN A 94 -15.84 3.41 -21.13
C GLN A 94 -15.68 4.87 -20.78
N SER A 95 -15.09 5.18 -19.62
CA SER A 95 -14.81 6.58 -19.33
C SER A 95 -13.70 7.05 -20.25
N ARG A 96 -13.62 8.36 -20.45
CA ARG A 96 -12.56 8.90 -21.31
C ARG A 96 -11.17 8.45 -20.80
N LEU A 97 -11.00 8.50 -19.48
CA LEU A 97 -9.68 8.23 -18.91
C LEU A 97 -9.31 6.75 -19.05
N ASN A 98 -10.31 5.87 -18.99
CA ASN A 98 -10.09 4.45 -19.26
C ASN A 98 -9.71 4.19 -20.71
N LEU A 99 -10.25 4.96 -21.63
CA LEU A 99 -9.79 4.80 -23.00
C LEU A 99 -8.34 5.23 -23.13
N LEU A 100 -7.97 6.26 -22.36
CA LEU A 100 -6.62 6.82 -22.43
C LEU A 100 -5.61 5.95 -21.71
N VAL A 101 -6.06 5.37 -20.59
CA VAL A 101 -5.18 4.55 -19.74
C VAL A 101 -5.92 3.27 -19.35
N PRO A 102 -5.83 2.24 -20.20
CA PRO A 102 -6.72 1.09 -20.05
C PRO A 102 -6.57 0.34 -18.72
N SER A 103 -5.38 0.39 -18.12
CA SER A 103 -5.13 -0.36 -16.90
C SER A 103 -5.47 0.46 -15.67
N ILE A 104 -6.02 1.65 -15.87
CA ILE A 104 -6.29 2.49 -14.72
C ILE A 104 -7.29 1.83 -13.75
N GLY A 105 -7.12 2.09 -12.45
CA GLY A 105 -8.00 1.57 -11.42
C GLY A 105 -9.15 2.53 -11.18
N THR A 106 -9.82 2.39 -10.04
CA THR A 106 -10.97 3.19 -9.69
C THR A 106 -10.54 4.37 -8.82
N PHE A 107 -11.13 5.54 -9.06
CA PHE A 107 -10.92 6.66 -8.15
C PHE A 107 -12.12 6.76 -7.24
N PHE A 108 -11.92 6.63 -5.95
CA PHE A 108 -13.03 6.64 -5.00
C PHE A 108 -13.26 8.05 -4.52
N THR A 109 -12.28 8.91 -4.75
CA THR A 109 -12.41 10.33 -4.44
C THR A 109 -11.78 11.14 -5.58
N GLU A 110 -12.24 12.37 -5.71
CA GLU A 110 -11.58 13.33 -6.58
C GLU A 110 -10.16 13.60 -6.07
N LEU A 111 -9.30 14.09 -6.95
CA LEU A 111 -7.91 14.40 -6.59
C LEU A 111 -7.56 15.83 -7.00
N PRO A 112 -7.27 16.69 -6.02
CA PRO A 112 -6.89 18.06 -6.39
C PRO A 112 -5.48 18.11 -6.98
N LEU A 113 -5.31 17.62 -8.21
CA LEU A 113 -3.96 17.43 -8.75
C LEU A 113 -3.23 18.74 -9.02
N GLU A 114 -3.95 19.76 -9.45
CA GLU A 114 -3.30 21.00 -9.75
C GLU A 114 -2.75 21.61 -8.46
N GLN A 115 -3.58 21.60 -7.42
CA GLN A 115 -3.13 22.10 -6.13
C GLN A 115 -1.96 21.30 -5.60
N ALA A 116 -2.02 19.98 -5.76
CA ALA A 116 -0.95 19.12 -5.26
C ALA A 116 0.33 19.29 -6.08
N PHE A 117 0.18 19.50 -7.39
CA PHE A 117 1.38 19.77 -8.19
C PHE A 117 2.05 21.06 -7.70
N LEU A 118 1.24 22.10 -7.51
CA LEU A 118 1.80 23.39 -7.15
C LEU A 118 2.50 23.29 -5.79
N TRP A 119 1.98 22.46 -4.89
CA TRP A 119 2.59 22.31 -3.59
C TRP A 119 3.91 21.56 -3.74
N GLU A 120 3.87 20.45 -4.46
CA GLU A 120 5.10 19.66 -4.62
C GLU A 120 6.17 20.42 -5.39
N ASP A 121 5.76 21.25 -6.32
CA ASP A 121 6.72 22.04 -7.10
C ASP A 121 7.47 23.04 -6.19
N SER A 122 6.73 23.67 -5.29
CA SER A 122 7.34 24.56 -4.31
C SER A 122 8.36 23.86 -3.42
N GLN A 123 8.14 22.57 -3.16
CA GLN A 123 9.02 21.80 -2.30
C GLN A 123 10.18 21.19 -3.06
N ARG A 124 9.92 20.76 -4.29
CA ARG A 124 10.91 19.99 -5.05
C ARG A 124 11.51 20.72 -6.23
N ALA A 125 10.96 21.89 -6.55
CA ALA A 125 11.45 22.71 -7.64
C ALA A 125 11.48 21.95 -8.97
N ILE A 126 10.40 21.23 -9.27
CA ILE A 126 10.34 20.47 -10.51
C ILE A 126 10.43 21.38 -11.74
N SER A 127 9.70 22.48 -11.72
CA SER A 127 9.63 23.35 -12.90
C SER A 127 10.94 24.13 -13.10
N ALA A 128 11.82 24.09 -12.12
CA ALA A 128 13.10 24.79 -12.22
C ALA A 128 14.16 23.95 -12.92
N ARG A 129 13.87 22.67 -13.20
CA ARG A 129 14.86 21.83 -13.89
C ARG A 129 14.88 22.07 -15.40
N ARG A 130 16.06 21.92 -16.01
CA ARG A 130 16.24 22.18 -17.44
C ARG A 130 16.80 20.95 -18.14
N MSE A 131 17.27 19.98 -17.36
CA MSE A 131 17.89 18.83 -18.00
C MSE A 131 17.30 17.50 -17.55
O MSE A 131 17.54 16.45 -18.16
CB MSE A 131 19.39 18.89 -17.76
CG MSE A 131 20.01 20.10 -18.58
SE MSE A 131 21.89 19.97 -18.41
CE MSE A 131 22.52 21.73 -19.20
N VAL A 132 16.49 17.52 -16.50
CA VAL A 132 15.86 16.29 -16.01
C VAL A 132 14.36 16.48 -16.01
N ALA A 133 13.67 15.70 -16.82
CA ALA A 133 12.21 15.79 -16.92
C ALA A 133 11.49 15.43 -15.62
N PRO A 134 10.23 15.87 -15.49
CA PRO A 134 9.41 15.38 -14.36
C PRO A 134 9.42 13.84 -14.33
N SER A 135 9.64 13.28 -13.15
CA SER A 135 9.99 11.87 -13.06
C SER A 135 8.78 11.06 -12.60
N PHE A 136 8.90 9.74 -12.69
CA PHE A 136 7.95 8.84 -12.07
C PHE A 136 7.75 9.16 -10.59
N ASN A 137 8.84 9.35 -9.85
CA ASN A 137 8.68 9.61 -8.44
C ASN A 137 8.08 10.99 -8.16
N ASP A 138 8.36 11.97 -9.01
CA ASP A 138 7.67 13.26 -8.89
C ASP A 138 6.16 13.05 -8.95
N ILE A 139 5.71 12.29 -9.92
CA ILE A 139 4.26 12.14 -10.12
C ILE A 139 3.65 11.26 -9.03
N ARG A 140 4.37 10.23 -8.62
CA ARG A 140 3.97 9.44 -7.45
C ARG A 140 3.75 10.33 -6.22
N HIS A 141 4.69 11.23 -5.97
CA HIS A 141 4.55 12.18 -4.84
C HIS A 141 3.34 13.10 -4.98
N ILE A 142 3.16 13.64 -6.19
CA ILE A 142 2.04 14.54 -6.47
C ILE A 142 0.69 13.83 -6.27
N LEU A 143 0.59 12.60 -6.76
CA LEU A 143 -0.62 11.83 -6.55
C LEU A 143 -0.89 11.59 -5.04
N ASN A 144 0.14 11.22 -4.27
CA ASN A 144 -0.03 11.00 -2.81
C ASN A 144 -0.49 12.28 -2.12
N THR A 145 0.17 13.38 -2.44
CA THR A 145 -0.17 14.68 -1.85
C THR A 145 -1.61 15.07 -2.23
N ALA A 146 -2.03 14.84 -3.47
CA ALA A 146 -3.41 15.09 -3.87
C ALA A 146 -4.39 14.26 -3.05
N GLN A 147 -4.04 13.00 -2.80
CA GLN A 147 -4.97 12.13 -2.06
C GLN A 147 -5.08 12.62 -0.61
N ILE A 148 -3.96 13.06 -0.02
CA ILE A 148 -3.98 13.63 1.32
C ILE A 148 -4.78 14.91 1.35
N PHE A 149 -4.54 15.78 0.38
CA PHE A 149 -5.23 17.06 0.31
C PHE A 149 -6.74 16.89 0.23
N HIS A 150 -7.19 15.88 -0.51
CA HIS A 150 -8.61 15.61 -0.59
C HIS A 150 -9.19 15.35 0.81
N PHE A 151 -8.51 14.53 1.61
CA PHE A 151 -9.07 14.21 2.93
C PHE A 151 -8.94 15.38 3.89
N LYS A 152 -7.89 16.20 3.75
CA LYS A 152 -7.77 17.42 4.58
C LYS A 152 -8.93 18.38 4.30
N LYS A 153 -9.32 18.50 3.03
CA LYS A 153 -10.44 19.34 2.65
C LYS A 153 -11.77 18.89 3.27
N GLN A 154 -12.01 17.58 3.29
CA GLN A 154 -13.26 17.03 3.84
C GLN A 154 -13.49 17.43 5.29
N GLU A 155 -12.41 17.47 6.06
CA GLU A 155 -12.45 17.93 7.44
C GLU A 155 -13.07 19.31 7.55
N ASN A 156 -12.51 20.28 6.82
CA ASN A 156 -13.04 21.67 6.84
C ASN A 156 -14.43 21.81 6.26
N LEU A 157 -14.91 20.76 5.58
CA LEU A 157 -16.25 20.80 5.02
C LEU A 157 -17.30 20.32 6.00
N HIS A 158 -18.38 21.10 6.08
CA HIS A 158 -19.62 20.66 6.72
C HIS A 158 -20.18 19.54 5.82
N ASN A 159 -20.72 18.49 6.43
CA ASN A 159 -21.04 17.22 5.76
C ASN A 159 -19.84 16.56 5.07
N GLY A 160 -18.67 16.56 5.71
CA GLY A 160 -17.47 16.08 5.05
C GLY A 160 -17.40 14.57 4.93
N LYS A 161 -16.98 14.08 3.76
CA LYS A 161 -16.76 12.64 3.57
C LYS A 161 -15.40 12.24 4.12
N VAL A 162 -15.29 12.28 5.44
CA VAL A 162 -14.01 12.23 6.13
C VAL A 162 -13.42 10.83 6.22
N LEU A 163 -12.11 10.79 6.43
CA LEU A 163 -11.38 9.57 6.66
C LEU A 163 -11.96 8.78 7.85
N ARG A 164 -12.30 7.50 7.64
CA ARG A 164 -12.75 6.64 8.76
C ARG A 164 -11.83 5.46 9.05
N LEU A 165 -11.01 5.07 8.07
CA LEU A 165 -10.14 3.91 8.20
C LEU A 165 -8.81 4.20 7.54
N VAL A 166 -7.70 4.08 8.27
CA VAL A 166 -6.38 4.19 7.65
C VAL A 166 -5.71 2.87 7.89
N THR A 167 -5.28 2.20 6.82
CA THR A 167 -4.56 0.93 6.99
C THR A 167 -3.13 1.07 6.49
N PHE A 168 -2.24 0.25 7.05
CA PHE A 168 -0.82 0.30 6.76
C PHE A 168 -0.28 -1.08 6.45
N ALA A 169 0.56 -1.18 5.42
CA ALA A 169 1.46 -2.32 5.31
C ALA A 169 2.46 -2.24 6.49
N GLY A 170 3.18 -3.32 6.74
CA GLY A 170 4.19 -3.29 7.79
C GLY A 170 5.57 -3.03 7.23
N ASP A 171 6.10 -4.03 6.55
CA ASP A 171 7.44 -3.98 6.00
C ASP A 171 7.56 -2.80 5.03
N VAL A 172 8.63 -2.03 5.20
CA VAL A 172 9.00 -0.88 4.35
C VAL A 172 8.08 0.30 4.65
N THR A 173 6.98 0.07 5.33
CA THR A 173 5.99 1.13 5.52
C THR A 173 6.06 1.66 6.95
N LEU A 174 6.02 0.74 7.92
CA LEU A 174 6.12 1.11 9.34
C LEU A 174 7.53 0.93 9.87
N TYR A 175 8.30 0.08 9.19
CA TYR A 175 9.66 -0.20 9.62
C TYR A 175 10.42 -0.75 8.44
N GLU A 176 11.72 -0.91 8.58
CA GLU A 176 12.55 -1.49 7.53
C GLU A 176 12.04 -2.88 7.27
N ASP A 177 12.33 -3.39 6.09
CA ASP A 177 11.87 -4.70 5.66
C ASP A 177 12.32 -5.76 6.66
N GLY A 178 11.38 -6.55 7.17
CA GLY A 178 11.67 -7.61 8.13
C GLY A 178 11.83 -7.12 9.55
N GLY A 179 11.59 -5.82 9.76
CA GLY A 179 11.92 -5.19 11.04
C GLY A 179 10.82 -5.29 12.08
N SER A 180 11.02 -4.55 13.17
CA SER A 180 10.01 -4.36 14.21
C SER A 180 9.82 -2.89 14.51
N LEU A 181 8.71 -2.60 15.16
CA LEU A 181 8.34 -1.24 15.49
C LEU A 181 8.86 -0.90 16.89
N VAL A 182 10.07 -0.35 16.96
CA VAL A 182 10.70 -0.02 18.25
C VAL A 182 10.08 1.24 18.86
N TYR A 183 10.25 1.44 20.16
CA TYR A 183 9.56 2.51 20.89
C TYR A 183 9.91 3.94 20.43
N THR A 184 11.12 4.14 19.91
CA THR A 184 11.49 5.48 19.42
C THR A 184 11.14 5.72 17.95
N ASN A 185 10.40 4.79 17.35
CA ASN A 185 9.98 4.94 15.95
C ASN A 185 9.07 6.15 15.79
N PRO A 186 9.47 7.11 14.94
CA PRO A 186 8.68 8.35 14.82
C PRO A 186 7.26 8.22 14.24
N VAL A 187 6.88 7.05 13.69
CA VAL A 187 5.52 6.90 13.18
C VAL A 187 4.51 6.75 14.32
N ILE A 188 4.98 6.27 15.48
CA ILE A 188 4.05 5.93 16.58
C ILE A 188 3.13 7.09 17.04
N PRO A 189 3.68 8.30 17.29
CA PRO A 189 2.77 9.39 17.68
C PRO A 189 1.64 9.67 16.67
N TYR A 190 1.90 9.43 15.38
CA TYR A 190 0.89 9.67 14.37
C TYR A 190 -0.20 8.60 14.37
N ILE A 191 0.18 7.35 14.59
CA ILE A 191 -0.82 6.32 14.73
C ILE A 191 -1.71 6.59 15.97
N LEU A 192 -1.09 6.96 17.09
CA LEU A 192 -1.86 7.33 18.28
C LEU A 192 -2.80 8.51 17.98
N LYS A 193 -2.32 9.50 17.21
CA LYS A 193 -3.18 10.65 16.90
C LYS A 193 -4.36 10.25 16.00
N LEU A 194 -4.13 9.33 15.06
CA LEU A 194 -5.23 8.80 14.28
C LEU A 194 -6.27 8.15 15.23
N LEU A 195 -5.80 7.27 16.10
CA LEU A 195 -6.72 6.59 17.02
C LEU A 195 -7.46 7.60 17.91
N ARG A 196 -6.74 8.65 18.31
CA ARG A 196 -7.30 9.70 19.15
C ARG A 196 -8.36 10.51 18.42
N CYS A 197 -8.19 10.70 17.11
CA CYS A 197 -9.16 11.45 16.35
C CYS A 197 -10.41 10.64 16.01
N GLY A 198 -10.44 9.37 16.42
CA GLY A 198 -11.62 8.56 16.17
C GLY A 198 -11.47 7.74 14.91
N ILE A 199 -10.31 7.86 14.27
CA ILE A 199 -10.07 7.10 13.05
C ILE A 199 -9.62 5.70 13.41
N ASN A 200 -10.20 4.71 12.73
CA ASN A 200 -9.80 3.32 12.86
C ASN A 200 -8.49 3.04 12.14
N VAL A 201 -7.59 2.29 12.78
CA VAL A 201 -6.28 2.00 12.18
C VAL A 201 -6.06 0.50 12.10
N GLY A 202 -5.82 0.00 10.91
CA GLY A 202 -5.52 -1.41 10.71
C GLY A 202 -4.12 -1.60 10.16
N ILE A 203 -3.42 -2.61 10.64
CA ILE A 203 -2.15 -2.96 10.05
C ILE A 203 -2.37 -4.15 9.14
N VAL A 204 -2.38 -3.90 7.83
CA VAL A 204 -2.73 -4.97 6.91
C VAL A 204 -1.46 -5.45 6.27
N THR A 205 -0.94 -6.56 6.77
CA THR A 205 0.42 -6.97 6.44
C THR A 205 0.40 -8.41 5.95
N ALA A 206 1.32 -8.76 5.03
CA ALA A 206 1.39 -10.12 4.58
C ALA A 206 1.96 -11.02 5.71
N ALA A 207 2.72 -10.45 6.64
CA ALA A 207 3.24 -11.24 7.78
C ALA A 207 2.07 -11.96 8.45
N GLY A 208 2.12 -13.29 8.50
CA GLY A 208 0.95 -14.10 8.83
C GLY A 208 1.26 -15.01 10.02
N TYR A 209 0.79 -14.63 11.20
CA TYR A 209 1.02 -15.42 12.42
C TYR A 209 -0.30 -15.77 13.08
N ASP A 210 -0.54 -17.07 13.31
CA ASP A 210 -1.75 -17.48 14.06
C ASP A 210 -1.52 -17.40 15.54
N GLU A 211 -1.03 -16.26 15.99
CA GLU A 211 -0.56 -16.08 17.36
C GLU A 211 -0.31 -14.63 17.63
N ALA A 212 -0.93 -14.10 18.68
CA ALA A 212 -0.83 -12.68 18.95
C ALA A 212 0.60 -12.30 19.36
N GLY A 213 1.33 -13.24 19.94
CA GLY A 213 2.62 -12.96 20.53
C GLY A 213 3.60 -12.41 19.52
N THR A 214 3.62 -12.99 18.33
CA THR A 214 4.59 -12.57 17.33
C THR A 214 4.30 -11.12 16.91
N TYR A 215 3.03 -10.79 16.74
CA TYR A 215 2.66 -9.42 16.38
C TYR A 215 2.98 -8.48 17.51
N GLU A 216 2.75 -8.93 18.74
CA GLU A 216 3.09 -8.10 19.89
C GLU A 216 4.58 -7.79 19.94
N ASN A 217 5.44 -8.78 19.67
CA ASN A 217 6.85 -8.49 19.54
C ASN A 217 7.17 -7.52 18.40
N ARG A 218 6.61 -7.75 17.21
CA ARG A 218 7.01 -6.92 16.06
C ARG A 218 6.42 -5.52 16.11
N LEU A 219 5.35 -5.34 16.87
CA LEU A 219 4.74 -4.02 17.02
C LEU A 219 4.92 -3.49 18.45
N LYS A 220 5.94 -4.01 19.15
CA LYS A 220 6.08 -3.76 20.60
C LYS A 220 6.08 -2.27 20.96
N GLY A 221 6.83 -1.49 20.21
CA GLY A 221 6.93 -0.07 20.48
C GLY A 221 5.59 0.63 20.37
N LEU A 222 4.77 0.23 19.40
CA LEU A 222 3.46 0.83 19.23
C LEU A 222 2.49 0.45 20.36
N ILE A 223 2.45 -0.82 20.74
CA ILE A 223 1.48 -1.20 21.76
C ILE A 223 1.87 -0.68 23.16
N VAL A 224 3.16 -0.52 23.44
CA VAL A 224 3.59 0.05 24.71
C VAL A 224 3.19 1.52 24.77
N ALA A 225 3.42 2.26 23.68
CA ALA A 225 3.05 3.67 23.66
C ALA A 225 1.54 3.87 23.74
N LEU A 226 0.79 2.99 23.09
CA LEU A 226 -0.66 3.07 23.13
C LEU A 226 -1.19 2.73 24.54
N HIS A 227 -0.58 1.75 25.18
CA HIS A 227 -0.97 1.38 26.53
C HIS A 227 -0.68 2.54 27.49
N ASP A 228 0.53 3.06 27.41
CA ASP A 228 0.98 4.19 28.23
C ASP A 228 0.18 5.47 28.05
N SER A 229 -0.61 5.56 26.99
CA SER A 229 -1.30 6.81 26.72
C SER A 229 -2.45 7.06 27.67
N THR A 230 -2.48 8.26 28.24
CA THR A 230 -3.62 8.70 29.03
C THR A 230 -4.52 9.66 28.24
N ASP A 231 -4.10 10.00 27.02
CA ASP A 231 -4.87 10.86 26.10
C ASP A 231 -6.04 10.17 25.42
N ILE A 232 -6.01 8.85 25.38
CA ILE A 232 -6.92 8.13 24.51
C ILE A 232 -7.78 7.19 25.30
N PRO A 233 -9.11 7.34 25.18
CA PRO A 233 -10.09 6.42 25.76
C PRO A 233 -9.80 5.00 25.31
N VAL A 234 -10.09 4.02 26.17
CA VAL A 234 -9.76 2.64 25.84
C VAL A 234 -10.56 2.20 24.62
N SER A 235 -11.78 2.72 24.49
CA SER A 235 -12.62 2.41 23.34
C SER A 235 -11.93 2.79 22.04
N GLN A 236 -11.12 3.84 22.05
CA GLN A 236 -10.46 4.26 20.83
C GLN A 236 -9.15 3.49 20.64
N LYS A 237 -8.46 3.19 21.74
CA LYS A 237 -7.26 2.36 21.69
C LYS A 237 -7.58 1.04 20.99
N GLN A 238 -8.75 0.49 21.28
CA GLN A 238 -9.15 -0.81 20.71
C GLN A 238 -9.60 -0.71 19.23
N ASN A 239 -9.55 0.50 18.66
CA ASN A 239 -9.77 0.64 17.20
C ASN A 239 -8.51 0.33 16.37
N LEU A 240 -7.44 -0.08 17.07
CA LEU A 240 -6.23 -0.59 16.41
C LEU A 240 -6.39 -2.09 16.13
N THR A 241 -6.25 -2.49 14.88
CA THR A 241 -6.34 -3.90 14.48
C THR A 241 -5.13 -4.35 13.66
N ILE A 242 -4.94 -5.65 13.62
CA ILE A 242 -3.98 -6.27 12.71
C ILE A 242 -4.74 -7.23 11.83
N MSE A 243 -4.56 -7.09 10.52
CA MSE A 243 -5.05 -8.09 9.60
C MSE A 243 -3.80 -8.72 8.97
O MSE A 243 -3.15 -8.12 8.11
CB MSE A 243 -5.97 -7.47 8.56
CG MSE A 243 -6.32 -8.40 7.44
SE MSE A 243 -7.58 -9.82 8.12
CE MSE A 243 -9.08 -8.58 8.26
N GLY A 244 -3.47 -9.93 9.40
CA GLY A 244 -2.24 -10.57 8.99
C GLY A 244 -2.45 -11.63 7.94
N GLY A 245 -1.37 -11.98 7.26
CA GLY A 245 -1.47 -12.88 6.13
C GLY A 245 -2.26 -12.25 5.00
N GLU A 246 -2.33 -10.92 4.99
CA GLU A 246 -3.11 -10.09 4.02
C GLU A 246 -4.60 -10.13 4.28
N SER A 247 -5.14 -11.32 4.48
CA SER A 247 -6.56 -11.43 4.83
C SER A 247 -6.87 -12.73 5.59
N SER A 248 -5.95 -13.18 6.44
CA SER A 248 -6.10 -14.46 7.11
C SER A 248 -6.28 -14.44 8.65
N TYR A 249 -5.73 -13.45 9.33
CA TYR A 249 -5.69 -13.40 10.80
C TYR A 249 -6.01 -12.03 11.33
N LEU A 250 -7.13 -11.90 12.04
CA LEU A 250 -7.57 -10.61 12.55
C LEU A 250 -7.32 -10.51 14.06
N PHE A 251 -6.66 -9.44 14.49
CA PHE A 251 -6.39 -9.20 15.90
C PHE A 251 -6.87 -7.81 16.24
N ARG A 252 -7.27 -7.61 17.49
CA ARG A 252 -7.70 -6.28 17.93
C ARG A 252 -6.93 -5.93 19.18
N TYR A 253 -6.51 -4.68 19.30
CA TYR A 253 -5.84 -4.23 20.50
C TYR A 253 -6.78 -4.35 21.71
N TYR A 254 -6.25 -4.78 22.84
CA TYR A 254 -7.09 -4.92 24.04
C TYR A 254 -6.33 -4.43 25.26
N GLU A 255 -7.10 -4.09 26.27
CA GLU A 255 -6.60 -3.59 27.55
C GLU A 255 -7.63 -3.90 28.61
N ASP A 256 -7.39 -4.93 29.41
CA ASP A 256 -8.27 -5.18 30.56
C ASP A 256 -7.51 -4.85 31.84
N PRO A 257 -7.80 -3.66 32.41
CA PRO A 257 -7.09 -3.04 33.54
C PRO A 257 -7.03 -3.89 34.79
N GLU A 258 -7.88 -4.93 34.84
CA GLU A 258 -7.86 -5.92 35.91
C GLU A 258 -6.44 -6.33 36.27
N GLU A 259 -5.61 -6.41 35.24
CA GLU A 259 -4.21 -6.77 35.38
C GLU A 259 -3.37 -5.73 34.62
N ASP A 260 -2.05 -5.83 34.71
CA ASP A 260 -1.20 -5.02 33.84
C ASP A 260 -1.14 -5.71 32.47
N ASN A 261 -2.32 -6.04 31.91
CA ASN A 261 -2.34 -6.82 30.67
C ASN A 261 -3.00 -6.14 29.48
N PHE A 262 -2.27 -6.20 28.38
CA PHE A 262 -2.67 -5.55 27.15
C PHE A 262 -1.95 -6.21 25.98
N GLY A 263 -2.39 -5.91 24.77
CA GLY A 263 -1.71 -6.42 23.60
C GLY A 263 -2.76 -6.64 22.53
N PHE A 264 -2.65 -7.78 21.84
CA PHE A 264 -3.58 -8.10 20.77
C PHE A 264 -4.30 -9.40 21.09
N ARG A 265 -5.58 -9.44 20.74
CA ARG A 265 -6.38 -10.66 20.87
C ARG A 265 -6.94 -11.01 19.51
N GLN A 266 -6.85 -12.29 19.14
CA GLN A 266 -7.37 -12.75 17.86
C GLN A 266 -8.89 -12.86 17.86
N ILE A 267 -9.49 -12.51 16.74
CA ILE A 267 -10.93 -12.62 16.53
C ILE A 267 -11.21 -13.84 15.69
N ASP A 268 -12.17 -14.68 16.09
CA ASP A 268 -12.49 -15.86 15.30
C ASP A 268 -12.95 -15.46 13.92
N LYS A 269 -12.50 -16.20 12.90
CA LYS A 269 -12.75 -15.79 11.52
C LYS A 269 -14.25 -15.82 11.19
N GLU A 270 -15.03 -16.59 11.93
CA GLU A 270 -16.46 -16.65 11.61
C GLU A 270 -17.12 -15.28 11.80
N GLU A 271 -16.55 -14.47 12.68
CA GLU A 271 -17.05 -13.12 12.90
C GLU A 271 -16.65 -12.09 11.83
N TRP A 272 -15.65 -12.38 10.99
CA TRP A 272 -15.20 -11.31 10.08
C TRP A 272 -14.99 -11.74 8.64
N LEU A 273 -14.90 -13.04 8.36
CA LEU A 273 -14.73 -13.48 6.97
C LEU A 273 -15.86 -12.95 6.09
N LEU A 274 -15.52 -12.39 4.94
CA LEU A 274 -16.52 -11.94 3.98
C LEU A 274 -17.26 -13.12 3.39
N PRO A 275 -18.51 -12.89 2.95
CA PRO A 275 -19.26 -13.97 2.33
C PRO A 275 -18.54 -14.64 1.18
N ARG A 276 -17.82 -13.89 0.35
CA ARG A 276 -17.17 -14.53 -0.80
C ARG A 276 -16.07 -15.48 -0.34
N MSE A 277 -15.38 -15.09 0.73
CA MSE A 277 -14.37 -15.94 1.32
C MSE A 277 -14.97 -17.18 2.02
O MSE A 277 -14.44 -18.28 1.86
CB MSE A 277 -13.51 -15.14 2.28
CG MSE A 277 -12.99 -13.84 1.66
SE MSE A 277 -11.97 -12.84 2.97
CE MSE A 277 -10.48 -14.08 3.18
N LYS A 278 -16.07 -17.00 2.77
CA LYS A 278 -16.80 -18.16 3.33
C LYS A 278 -17.21 -19.18 2.26
N ALA A 279 -17.50 -18.70 1.05
CA ALA A 279 -17.89 -19.59 -0.06
C ALA A 279 -16.75 -20.42 -0.65
N TRP A 280 -15.50 -20.01 -0.43
CA TRP A 280 -14.41 -20.81 -0.96
C TRP A 280 -14.35 -22.24 -0.41
N SER A 281 -13.99 -23.18 -1.28
CA SER A 281 -13.69 -24.54 -0.86
C SER A 281 -12.34 -24.62 -0.16
N LEU A 282 -12.30 -25.25 1.03
CA LEU A 282 -11.03 -25.39 1.76
C LEU A 282 -10.16 -26.37 1.02
N GLU A 283 -10.80 -27.18 0.19
CA GLU A 283 -10.07 -28.10 -0.68
C GLU A 283 -9.28 -27.31 -1.74
N ASP A 284 -9.90 -26.29 -2.31
CA ASP A 284 -9.19 -25.45 -3.27
C ASP A 284 -8.08 -24.64 -2.62
N VAL A 285 -8.31 -24.15 -1.40
CA VAL A 285 -7.29 -23.47 -0.61
C VAL A 285 -6.06 -24.38 -0.43
N GLU A 286 -6.30 -25.59 -0.01
CA GLU A 286 -5.24 -26.53 0.26
C GLU A 286 -4.50 -26.88 -1.04
N LYS A 287 -5.22 -27.22 -2.12
CA LYS A 287 -4.60 -27.55 -3.39
C LYS A 287 -3.76 -26.40 -3.95
N THR A 288 -4.23 -25.17 -3.76
CA THR A 288 -3.45 -23.99 -4.18
C THR A 288 -2.12 -23.93 -3.47
N LEU A 289 -2.13 -24.07 -2.15
CA LEU A 289 -0.89 -24.00 -1.40
C LEU A 289 0.00 -25.19 -1.72
N ASP A 290 -0.59 -26.37 -1.91
CA ASP A 290 0.20 -27.55 -2.28
C ASP A 290 0.90 -27.36 -3.65
N PHE A 291 0.16 -26.81 -4.62
CA PHE A 291 0.71 -26.56 -5.96
C PHE A 291 1.84 -25.51 -5.90
N ALA A 292 1.59 -24.42 -5.19
CA ALA A 292 2.63 -23.42 -5.00
C ALA A 292 3.90 -23.99 -4.34
N GLU A 293 3.71 -24.83 -3.33
CA GLU A 293 4.80 -25.42 -2.61
C GLU A 293 5.61 -26.32 -3.55
N ARG A 294 4.92 -27.13 -4.33
CA ARG A 294 5.55 -27.99 -5.32
C ARG A 294 6.32 -27.17 -6.36
N THR A 295 5.71 -26.08 -6.80
CA THR A 295 6.38 -25.17 -7.76
C THR A 295 7.65 -24.56 -7.14
N LEU A 296 7.58 -24.14 -5.87
CA LEU A 296 8.77 -23.57 -5.22
C LEU A 296 9.86 -24.60 -5.10
N ASN A 297 9.48 -25.85 -4.83
CA ASN A 297 10.49 -26.88 -4.75
C ASN A 297 11.13 -27.16 -6.11
N ARG A 298 10.31 -27.14 -7.14
CA ARG A 298 10.81 -27.32 -8.49
C ARG A 298 11.79 -26.21 -8.86
N LEU A 299 11.45 -24.97 -8.52
CA LEU A 299 12.31 -23.83 -8.81
C LEU A 299 13.63 -23.94 -8.06
N ARG A 300 13.55 -24.32 -6.78
CA ARG A 300 14.71 -24.42 -5.96
C ARG A 300 15.68 -25.40 -6.61
N LYS A 301 15.18 -26.49 -7.19
CA LYS A 301 16.11 -27.44 -7.80
C LYS A 301 16.63 -26.93 -9.15
N ARG A 302 15.72 -26.49 -10.01
CA ARG A 302 16.10 -25.96 -11.34
C ARG A 302 17.10 -24.80 -11.25
N LEU A 303 16.90 -23.88 -10.31
CA LEU A 303 17.78 -22.74 -10.12
C LEU A 303 19.00 -23.06 -9.27
N ASN A 304 19.13 -24.33 -8.88
CA ASN A 304 20.25 -24.78 -8.05
C ASN A 304 20.51 -23.85 -6.86
N LEU A 305 19.47 -23.48 -6.15
CA LEU A 305 19.61 -22.52 -5.05
C LEU A 305 20.47 -23.09 -3.92
N PRO A 306 21.24 -22.23 -3.22
CA PRO A 306 22.00 -22.65 -2.03
C PRO A 306 21.08 -23.36 -1.02
N SER A 307 21.64 -24.37 -0.36
CA SER A 307 20.87 -25.19 0.57
C SER A 307 20.34 -24.41 1.75
N GLU A 308 20.96 -23.29 2.07
CA GLU A 308 20.49 -22.49 3.20
C GLU A 308 19.20 -21.72 2.95
N ILE A 309 18.84 -21.56 1.68
CA ILE A 309 17.56 -20.95 1.31
C ILE A 309 16.42 -21.84 1.82
N SER A 310 15.37 -21.29 2.42
CA SER A 310 14.32 -22.17 2.95
C SER A 310 12.97 -21.94 2.31
N ILE A 311 12.25 -23.05 2.08
CA ILE A 311 10.86 -22.97 1.71
C ILE A 311 10.01 -23.11 2.99
N ILE A 312 9.16 -22.13 3.23
CA ILE A 312 8.34 -22.11 4.42
C ILE A 312 6.89 -22.30 4.05
N ARG A 313 6.28 -23.43 4.47
CA ARG A 313 4.86 -23.63 4.25
C ARG A 313 4.06 -23.33 5.51
N LYS A 314 3.03 -22.49 5.38
CA LYS A 314 2.16 -22.13 6.47
C LYS A 314 0.74 -22.59 6.14
N VAL A 315 -0.18 -22.36 7.07
CA VAL A 315 -1.55 -22.76 6.89
C VAL A 315 -2.24 -21.95 5.79
N ARG A 316 -1.84 -20.68 5.62
CA ARG A 316 -2.48 -19.84 4.58
C ARG A 316 -1.45 -19.15 3.67
N ALA A 317 -0.23 -19.67 3.62
CA ALA A 317 0.81 -19.07 2.78
C ALA A 317 1.90 -20.08 2.51
N VAL A 318 2.68 -19.84 1.46
CA VAL A 318 3.94 -20.56 1.29
C VAL A 318 4.96 -19.62 0.61
N GLY A 319 6.21 -19.67 1.04
CA GLY A 319 7.19 -18.71 0.54
C GLY A 319 8.58 -19.27 0.54
N ILE A 320 9.52 -18.51 0.00
CA ILE A 320 10.90 -18.96 -0.03
C ILE A 320 11.72 -17.78 0.49
N VAL A 321 12.67 -18.06 1.38
CA VAL A 321 13.30 -16.99 2.10
C VAL A 321 14.80 -17.18 2.17
N PRO A 322 15.54 -16.10 2.42
CA PRO A 322 16.99 -16.27 2.52
C PRO A 322 17.40 -17.00 3.78
N GLY A 323 18.64 -17.44 3.82
CA GLY A 323 19.18 -18.07 5.00
C GLY A 323 20.44 -17.38 5.43
N GLU A 324 21.33 -18.15 6.06
CA GLU A 324 22.62 -17.65 6.53
C GLU A 324 23.59 -18.81 6.65
N ARG A 325 24.88 -18.51 6.64
CA ARG A 325 25.88 -19.55 6.89
C ARG A 325 27.09 -18.92 7.58
N TYR A 326 27.95 -19.76 8.14
CA TYR A 326 29.20 -19.32 8.77
C TYR A 326 30.31 -19.19 7.71
N ASP A 327 31.05 -18.07 7.77
CA ASP A 327 32.17 -17.73 6.87
C ASP A 327 31.76 -17.36 5.46
N SER A 330 36.01 -14.39 6.17
CA SER A 330 35.88 -13.91 7.54
C SER A 330 35.67 -15.10 8.48
N LYS A 331 35.42 -14.83 9.75
CA LYS A 331 34.95 -15.85 10.69
C LYS A 331 33.60 -15.36 11.16
N ARG A 332 32.69 -15.23 10.20
CA ARG A 332 31.55 -14.34 10.29
C ARG A 332 30.31 -15.05 9.75
N GLN A 333 29.18 -14.88 10.45
CA GLN A 333 27.88 -15.30 9.91
C GLN A 333 27.54 -14.34 8.76
N VAL A 334 27.13 -14.90 7.63
CA VAL A 334 26.77 -14.06 6.49
C VAL A 334 25.42 -14.51 5.90
N PRO A 335 24.64 -13.55 5.38
CA PRO A 335 23.37 -13.93 4.73
C PRO A 335 23.60 -14.75 3.48
N VAL A 336 22.63 -15.59 3.17
CA VAL A 336 22.62 -16.41 1.97
C VAL A 336 21.36 -16.01 1.21
N LYS A 337 21.53 -15.22 0.15
CA LYS A 337 20.40 -14.55 -0.47
C LYS A 337 20.06 -15.11 -1.81
N LEU A 338 18.83 -14.87 -2.25
CA LEU A 338 18.42 -15.13 -3.64
C LEU A 338 18.83 -13.91 -4.48
N ASP A 339 19.34 -14.12 -5.70
CA ASP A 339 19.62 -12.97 -6.58
C ASP A 339 18.32 -12.32 -7.01
N ARG A 340 18.41 -11.07 -7.43
CA ARG A 340 17.26 -10.36 -7.94
C ARG A 340 16.59 -11.14 -9.09
N GLU A 341 17.40 -11.69 -9.99
CA GLU A 341 16.87 -12.40 -11.16
C GLU A 341 16.14 -13.68 -10.73
N GLN A 342 16.62 -14.31 -9.67
CA GLN A 342 15.96 -15.53 -9.15
C GLN A 342 14.62 -15.20 -8.49
N LEU A 343 14.59 -14.14 -7.69
CA LEU A 343 13.35 -13.70 -7.08
C LEU A 343 12.32 -13.38 -8.17
N GLU A 344 12.75 -12.66 -9.21
CA GLU A 344 11.84 -12.31 -10.28
C GLU A 344 11.34 -13.57 -10.97
N GLU A 345 12.26 -14.48 -11.25
CA GLU A 345 11.92 -15.73 -11.92
C GLU A 345 10.85 -16.49 -11.10
N ILE A 346 11.08 -16.54 -9.79
CA ILE A 346 10.19 -17.31 -8.89
C ILE A 346 8.82 -16.66 -8.81
N VAL A 347 8.76 -15.36 -8.58
CA VAL A 347 7.43 -14.77 -8.44
C VAL A 347 6.64 -14.81 -9.76
N LEU A 348 7.31 -14.62 -10.90
CA LEU A 348 6.60 -14.71 -12.18
C LEU A 348 6.09 -16.12 -12.45
N THR A 349 6.91 -17.12 -12.17
CA THR A 349 6.50 -18.51 -12.32
C THR A 349 5.30 -18.86 -11.41
N LEU A 350 5.37 -18.47 -10.14
CA LEU A 350 4.22 -18.73 -9.25
C LEU A 350 2.95 -18.06 -9.76
N GLN A 351 3.03 -16.77 -10.08
CA GLN A 351 1.86 -16.01 -10.49
C GLN A 351 1.23 -16.64 -11.77
N ASN A 352 2.07 -16.93 -12.74
CA ASN A 352 1.58 -17.43 -14.02
C ASN A 352 1.01 -18.86 -13.90
N THR A 353 1.71 -19.71 -13.13
CA THR A 353 1.22 -21.07 -12.99
C THR A 353 -0.08 -21.10 -12.20
N LEU A 354 -0.18 -20.29 -11.15
CA LEU A 354 -1.42 -20.29 -10.34
C LEU A 354 -2.62 -19.64 -11.09
N GLU A 355 -2.32 -18.73 -12.01
CA GLU A 355 -3.40 -18.14 -12.81
C GLU A 355 -3.94 -19.16 -13.80
N SER A 356 -3.21 -20.25 -14.00
CA SER A 356 -3.63 -21.30 -14.93
C SER A 356 -4.11 -22.60 -14.26
N PHE A 357 -4.22 -22.58 -12.94
CA PHE A 357 -4.57 -23.75 -12.11
C PHE A 357 -6.01 -23.59 -11.59
N ALA A 358 -6.89 -24.51 -11.97
CA ALA A 358 -8.32 -24.33 -11.69
C ALA A 358 -8.64 -24.08 -10.21
N PRO A 359 -8.04 -24.87 -9.28
CA PRO A 359 -8.37 -24.58 -7.87
C PRO A 359 -7.98 -23.17 -7.42
N SER A 360 -6.84 -22.63 -7.86
CA SER A 360 -6.47 -21.28 -7.42
C SER A 360 -7.32 -20.23 -8.19
N ARG A 361 -7.77 -20.57 -9.39
CA ARG A 361 -8.67 -19.67 -10.10
C ARG A 361 -10.05 -19.57 -9.44
N ARG A 362 -10.46 -20.62 -8.70
CA ARG A 362 -11.72 -20.58 -7.95
C ARG A 362 -11.66 -19.84 -6.61
N ILE A 363 -10.46 -19.53 -6.13
CA ILE A 363 -10.37 -18.70 -4.95
C ILE A 363 -9.61 -17.41 -5.33
N GLN A 364 -8.97 -16.78 -4.35
CA GLN A 364 -8.08 -15.66 -4.63
C GLN A 364 -6.76 -15.89 -3.94
N PHE A 365 -5.72 -15.27 -4.46
CA PHE A 365 -4.39 -15.39 -3.89
C PHE A 365 -3.58 -14.17 -4.34
N SER A 366 -2.46 -13.97 -3.67
CA SER A 366 -1.52 -12.90 -3.99
C SER A 366 -0.10 -13.45 -3.93
N CYS A 367 0.67 -13.31 -5.02
CA CYS A 367 2.08 -13.64 -5.02
C CYS A 367 2.88 -12.36 -5.04
N PHE A 368 3.97 -12.31 -4.29
CA PHE A 368 4.80 -11.09 -4.28
C PHE A 368 6.24 -11.39 -3.98
N ASP A 369 7.08 -10.47 -4.47
CA ASP A 369 8.50 -10.40 -4.22
C ASP A 369 8.63 -9.31 -3.19
N GLY A 370 9.09 -9.63 -1.97
CA GLY A 370 9.16 -8.65 -0.91
C GLY A 370 10.45 -7.84 -0.93
N GLY A 371 11.37 -8.22 -1.80
CA GLY A 371 12.66 -7.58 -1.90
C GLY A 371 13.73 -8.63 -1.72
N SER A 372 13.57 -9.51 -0.74
CA SER A 372 14.54 -10.57 -0.48
C SER A 372 13.90 -11.94 -0.47
N ASP A 373 12.59 -11.99 -0.63
CA ASP A 373 11.85 -13.23 -0.57
C ASP A 373 10.68 -13.19 -1.54
N VAL A 374 10.04 -14.36 -1.72
CA VAL A 374 8.80 -14.45 -2.49
C VAL A 374 7.80 -15.26 -1.71
N TRP A 375 6.58 -14.74 -1.59
CA TRP A 375 5.48 -15.46 -0.95
C TRP A 375 4.22 -15.55 -1.82
N CYS A 376 3.49 -16.65 -1.64
CA CYS A 376 2.11 -16.78 -2.09
C CYS A 376 1.20 -16.86 -0.86
N ASP A 377 0.32 -15.86 -0.70
CA ASP A 377 -0.72 -15.85 0.31
C ASP A 377 -2.07 -16.19 -0.27
N ILE A 378 -2.86 -16.94 0.50
CA ILE A 378 -4.25 -17.07 0.17
C ILE A 378 -4.87 -15.70 0.37
N GLY A 379 -5.79 -15.30 -0.51
CA GLY A 379 -6.49 -14.02 -0.35
C GLY A 379 -5.71 -12.81 -0.84
N GLY A 380 -5.86 -11.67 -0.20
CA GLY A 380 -5.17 -10.47 -0.69
C GLY A 380 -5.63 -9.28 0.12
N LYS A 381 -4.95 -8.16 -0.04
CA LYS A 381 -5.21 -7.03 0.85
C LYS A 381 -6.47 -6.29 0.50
N ASP A 382 -7.01 -6.52 -0.70
CA ASP A 382 -8.34 -5.99 -0.98
C ASP A 382 -9.34 -6.66 -0.02
N LEU A 383 -9.21 -7.98 0.12
CA LEU A 383 -10.11 -8.73 1.05
C LEU A 383 -9.86 -8.31 2.50
N GLY A 384 -8.60 -8.01 2.84
CA GLY A 384 -8.29 -7.64 4.21
C GLY A 384 -8.89 -6.29 4.56
N VAL A 385 -8.72 -5.32 3.67
CA VAL A 385 -9.28 -4.00 3.92
C VAL A 385 -10.81 -4.05 3.94
N ARG A 386 -11.40 -4.75 2.96
CA ARG A 386 -12.85 -4.88 2.87
C ARG A 386 -13.41 -5.54 4.14
N SER A 387 -12.74 -6.58 4.64
CA SER A 387 -13.11 -7.23 5.91
C SER A 387 -13.10 -6.24 7.07
N LEU A 388 -12.08 -5.39 7.15
CA LEU A 388 -12.03 -4.39 8.20
C LEU A 388 -13.15 -3.34 8.08
N GLN A 389 -13.44 -2.92 6.86
CA GLN A 389 -14.47 -1.92 6.60
C GLN A 389 -15.81 -2.35 7.18
N GLN A 390 -16.10 -3.65 7.10
CA GLN A 390 -17.35 -4.18 7.66
C GLN A 390 -17.20 -4.49 9.16
N PHE A 391 -16.07 -5.09 9.56
CA PHE A 391 -15.82 -5.45 10.94
C PHE A 391 -15.93 -4.24 11.86
N TYR A 392 -15.41 -3.11 11.43
CA TYR A 392 -15.39 -1.97 12.33
C TYR A 392 -16.79 -1.40 12.56
N ASN A 393 -17.72 -1.65 11.64
CA ASN A 393 -19.08 -1.11 11.76
C ASN A 393 -20.08 -1.83 10.86
N PRO A 394 -20.53 -3.02 11.29
CA PRO A 394 -21.34 -3.89 10.43
C PRO A 394 -22.61 -3.24 9.92
N GLU A 395 -23.18 -2.35 10.73
CA GLU A 395 -24.46 -1.74 10.40
C GLU A 395 -24.28 -0.60 9.38
N SER A 396 -23.15 0.09 9.41
CA SER A 396 -22.79 1.09 8.40
C SER A 396 -21.30 0.96 7.99
N PRO A 397 -21.02 0.02 7.08
CA PRO A 397 -19.65 -0.32 6.70
C PRO A 397 -18.88 0.91 6.19
N ILE A 398 -17.61 1.03 6.57
CA ILE A 398 -16.71 2.07 6.08
C ILE A 398 -16.62 1.93 4.55
N GLN A 399 -16.82 3.04 3.84
CA GLN A 399 -16.79 3.08 2.38
C GLN A 399 -15.35 3.21 1.84
N PRO A 400 -15.12 2.75 0.60
CA PRO A 400 -13.82 2.97 -0.05
C PRO A 400 -13.39 4.44 -0.02
N SER A 401 -14.34 5.35 -0.23
CA SER A 401 -14.05 6.78 -0.22
C SER A 401 -13.65 7.31 1.15
N GLU A 402 -13.77 6.46 2.15
CA GLU A 402 -13.45 6.83 3.53
C GLU A 402 -12.27 6.02 4.02
N THR A 403 -11.61 5.32 3.10
CA THR A 403 -10.52 4.41 3.45
C THR A 403 -9.21 4.85 2.78
N LEU A 404 -8.10 4.75 3.49
CA LEU A 404 -6.79 5.03 2.91
C LEU A 404 -5.79 3.95 3.32
N HIS A 405 -5.35 3.13 2.35
CA HIS A 405 -4.31 2.13 2.60
C HIS A 405 -2.94 2.62 2.17
N VAL A 406 -1.97 2.52 3.08
CA VAL A 406 -0.61 3.05 2.89
C VAL A 406 0.35 1.90 2.74
N GLY A 407 1.06 1.84 1.63
CA GLY A 407 1.99 0.73 1.47
C GLY A 407 2.94 0.95 0.31
N ASP A 408 3.82 -0.02 0.06
CA ASP A 408 4.92 0.19 -0.89
C ASP A 408 4.82 -0.71 -2.10
N GLN A 409 4.00 -1.77 -2.01
CA GLN A 409 4.00 -2.79 -3.04
C GLN A 409 2.87 -2.57 -4.01
N PHE A 410 3.01 -1.57 -4.87
CA PHE A 410 1.88 -1.19 -5.73
C PHE A 410 2.08 -1.45 -7.21
N ALA A 411 3.14 -2.16 -7.57
CA ALA A 411 3.26 -2.70 -8.92
C ALA A 411 2.17 -3.75 -9.16
N PRO A 412 1.76 -3.99 -10.42
CA PRO A 412 0.72 -4.98 -10.62
C PRO A 412 1.21 -6.41 -10.48
N VAL A 413 2.51 -6.64 -10.62
CA VAL A 413 3.07 -8.00 -10.48
C VAL A 413 4.45 -7.81 -9.86
N GLY A 414 4.94 -8.80 -9.10
CA GLY A 414 6.24 -8.69 -8.44
C GLY A 414 6.09 -8.06 -7.08
N SER A 415 6.51 -6.79 -6.98
CA SER A 415 6.38 -6.05 -5.74
C SER A 415 4.96 -5.53 -5.62
N ALA A 416 4.02 -6.44 -5.33
CA ALA A 416 2.62 -6.19 -5.68
C ALA A 416 1.54 -6.47 -4.60
N ASN A 417 1.93 -6.76 -3.36
CA ASN A 417 0.89 -7.26 -2.43
C ASN A 417 -0.01 -6.15 -1.90
N ASP A 418 0.29 -4.89 -2.24
CA ASP A 418 -0.60 -3.79 -1.87
C ASP A 418 -1.49 -3.38 -3.02
N PHE A 419 -1.14 -3.83 -4.22
CA PHE A 419 -1.82 -3.41 -5.45
C PHE A 419 -3.33 -3.58 -5.36
N LYS A 420 -3.81 -4.73 -4.89
CA LYS A 420 -5.26 -4.97 -4.86
C LYS A 420 -5.99 -4.09 -3.85
N ALA A 421 -5.26 -3.42 -2.95
CA ALA A 421 -5.95 -2.47 -2.05
C ALA A 421 -6.64 -1.35 -2.83
N ARG A 422 -6.17 -1.05 -4.05
CA ARG A 422 -6.84 -0.05 -4.89
C ARG A 422 -8.28 -0.44 -5.21
N LEU A 423 -8.60 -1.72 -5.12
CA LEU A 423 -9.96 -2.20 -5.34
C LEU A 423 -10.91 -1.88 -4.17
N ALA A 424 -10.34 -1.64 -3.00
CA ALA A 424 -11.15 -1.47 -1.77
C ALA A 424 -11.18 -0.04 -1.22
N GLY A 425 -10.36 0.86 -1.76
CA GLY A 425 -10.27 2.18 -1.12
C GLY A 425 -9.18 3.05 -1.75
N CYS A 426 -9.04 4.28 -1.27
CA CYS A 426 -7.91 5.15 -1.63
C CYS A 426 -6.59 4.54 -1.16
N THR A 427 -5.49 4.90 -1.83
CA THR A 427 -4.19 4.41 -1.38
C THR A 427 -3.18 5.53 -1.38
N LEU A 428 -2.11 5.34 -0.61
CA LEU A 428 -0.90 6.14 -0.64
C LEU A 428 0.23 5.21 -0.98
N TRP A 429 1.01 5.55 -2.00
CA TRP A 429 2.10 4.69 -2.44
C TRP A 429 3.40 5.24 -1.91
N ILE A 430 3.95 4.61 -0.88
CA ILE A 430 5.15 5.13 -0.25
C ILE A 430 6.35 4.29 -0.65
N ALA A 431 7.55 4.80 -0.33
CA ALA A 431 8.78 4.12 -0.72
C ALA A 431 9.66 3.76 0.48
N SER A 432 9.32 4.30 1.65
CA SER A 432 10.15 4.10 2.83
C SER A 432 9.38 4.47 4.10
N PRO A 433 9.86 4.01 5.26
CA PRO A 433 9.16 4.41 6.49
C PRO A 433 9.19 5.93 6.70
N GLN A 434 10.24 6.59 6.21
CA GLN A 434 10.34 8.03 6.34
C GLN A 434 9.22 8.73 5.57
N GLU A 435 8.88 8.23 4.37
CA GLU A 435 7.76 8.80 3.61
C GLU A 435 6.42 8.67 4.36
N THR A 436 6.19 7.51 4.95
CA THR A 436 4.97 7.28 5.73
C THR A 436 4.78 8.36 6.82
N VAL A 437 5.85 8.63 7.55
CA VAL A 437 5.82 9.67 8.59
C VAL A 437 5.55 11.07 7.99
N ASN A 438 6.26 11.42 6.90
CA ASN A 438 6.04 12.70 6.23
C ASN A 438 4.57 12.88 5.84
N TYR A 439 3.96 11.85 5.25
CA TYR A 439 2.58 11.96 4.80
C TYR A 439 1.60 12.04 5.96
N LEU A 440 1.82 11.28 7.04
CA LEU A 440 0.93 11.38 8.21
C LEU A 440 1.07 12.73 8.88
N HIS A 441 2.29 13.25 8.92
CA HIS A 441 2.49 14.61 9.39
C HIS A 441 1.65 15.61 8.60
N ARG A 442 1.71 15.56 7.27
CA ARG A 442 0.94 16.51 6.48
C ARG A 442 -0.55 16.26 6.63
N LEU A 443 -0.94 15.00 6.69
CA LEU A 443 -2.35 14.69 6.84
C LEU A 443 -2.92 15.28 8.13
N LEU A 444 -2.14 15.17 9.19
CA LEU A 444 -2.65 15.44 10.53
C LEU A 444 -2.32 16.83 11.08
N GLU A 445 -1.40 17.54 10.45
CA GLU A 445 -1.05 18.88 10.94
C GLU A 445 -2.17 19.89 10.67
N THR A 446 -2.09 21.06 11.32
CA THR A 446 -3.21 21.97 11.54
C THR A 446 -3.74 22.74 10.32
N ASP A 447 -2.86 22.97 9.34
CA ASP A 447 -3.25 23.67 8.10
C ASP A 447 -4.36 22.89 7.34
N9 NOS B . -5.75 5.21 -8.37
C4 NOS B . -4.50 5.03 -8.99
N3 NOS B . -3.19 5.47 -8.75
C2 NOS B . -2.16 5.10 -9.58
N1 NOS B . -2.40 4.30 -10.64
C6 NOS B . -3.67 3.88 -10.91
O6 NOS B . -3.76 3.04 -12.05
C5 NOS B . -4.70 4.24 -10.06
N7 NOS B . -6.02 3.90 -10.13
C8 NOS B . -6.63 4.49 -9.10
C5' NOS B . -3.72 8.62 -6.18
O5' NOS B . -2.73 7.73 -6.69
C4' NOS B . -5.04 7.89 -6.01
O4' NOS B . -5.43 7.33 -7.31
C1' NOS B . -5.79 5.99 -7.12
C2' NOS B . -4.88 5.51 -5.98
O2' NOS B . -5.33 4.31 -5.40
C3' NOS B . -4.95 6.70 -5.04
O3' NOS B . -6.15 6.63 -4.27
P PO4 C . 4.00 -6.38 4.25
O1 PO4 C . 3.79 -5.71 5.56
O2 PO4 C . 2.73 -6.79 3.55
O3 PO4 C . 4.83 -7.61 4.44
O4 PO4 C . 4.83 -5.52 3.35
P IMP D . 9.53 -13.26 9.65
O1P IMP D . 9.66 -11.83 10.15
O2P IMP D . 10.80 -14.12 9.67
O3P IMP D . 8.40 -13.89 10.43
O5' IMP D . 9.04 -13.24 8.14
C5' IMP D . 9.96 -13.15 7.07
C4' IMP D . 9.45 -12.18 6.03
O4' IMP D . 8.28 -12.75 5.38
C3' IMP D . 9.01 -10.85 6.60
O3' IMP D . 9.15 -9.83 5.61
C2' IMP D . 7.55 -11.08 6.89
O2' IMP D . 6.80 -9.89 7.05
C1' IMP D . 7.13 -12.00 5.70
N9 IMP D . 6.12 -12.99 6.06
C8 IMP D . 6.07 -13.70 7.20
N7 IMP D . 4.98 -14.53 7.18
C5 IMP D . 4.37 -14.34 5.97
C6 IMP D . 3.15 -14.94 5.36
O6 IMP D . 2.50 -15.75 5.98
N1 IMP D . 2.75 -14.52 4.04
C2 IMP D . 3.51 -13.55 3.32
N3 IMP D . 4.67 -12.98 3.93
C4 IMP D . 5.08 -13.41 5.29
MG MG E . 7.54 -16.43 9.30
MG MG F . 5.53 -3.67 2.56
#